data_8KDQ
#
_entry.id   8KDQ
#
_cell.length_a   86.500
_cell.length_b   33.469
_cell.length_c   71.772
_cell.angle_alpha   90.00
_cell.angle_beta   91.89
_cell.angle_gamma   90.00
#
_symmetry.space_group_name_H-M   'C 1 2 1'
#
loop_
_entity.id
_entity.type
_entity.pdbx_description
1 polymer 'De novo design protein -T03'
2 water water
#
_entity_poly.entity_id   1
_entity_poly.type   'polypeptide(L)'
_entity_poly.pdbx_seq_one_letter_code
;GPGIWLREVDRDKLIAVAKKLKEIIPDRVKGFVVGGKTDDVVATIRDLIALFGPDLEIVVELTELDKAIETMKKAVEAGA
SAILLRDGVRGVEELRKIAEEAKKLGVKVIVDVTDGPDVLELAREAAALADAIVIDTGLPLDTREAIAALADAAGVDVIF
RVSGLDQVDDAVALAARTPAFKGFLLEGVRDVAAAEAVRARLAAAGLTDLDFLLALDGLDVDTAIAAALALLEHHHHHH
;
_entity_poly.pdbx_strand_id   A
#
# COMPACT_ATOMS: atom_id res chain seq x y z
N GLY A 1 0.75 19.37 -3.79
CA GLY A 1 1.30 18.59 -2.69
C GLY A 1 0.97 17.11 -2.80
N PRO A 2 1.61 16.29 -1.97
CA PRO A 2 1.35 14.85 -2.01
C PRO A 2 -0.04 14.52 -1.47
N GLY A 3 -0.59 13.41 -1.97
CA GLY A 3 -1.79 12.83 -1.42
C GLY A 3 -1.46 11.70 -0.45
N ILE A 4 -2.41 11.40 0.44
CA ILE A 4 -2.19 10.44 1.52
C ILE A 4 -3.08 9.22 1.28
N TRP A 5 -2.48 8.05 1.45
CA TRP A 5 -3.21 6.79 1.59
C TRP A 5 -3.07 6.32 3.03
N LEU A 6 -4.13 5.71 3.57
CA LEU A 6 -4.11 5.23 4.94
C LEU A 6 -4.37 3.73 4.95
N ARG A 7 -3.56 3.01 5.72
CA ARG A 7 -3.76 1.58 5.93
C ARG A 7 -4.10 1.35 7.38
N GLU A 8 -5.26 0.77 7.64
CA GLU A 8 -5.66 0.40 8.99
C GLU A 8 -6.60 -0.78 8.89
N VAL A 9 -6.38 -1.78 9.74
CA VAL A 9 -7.22 -2.99 9.69
C VAL A 9 -8.40 -2.92 10.65
N ASP A 10 -8.37 -2.05 11.65
CA ASP A 10 -9.48 -1.91 12.59
C ASP A 10 -10.50 -0.93 12.03
N ARG A 11 -11.74 -1.40 11.88
CA ARG A 11 -12.78 -0.59 11.27
C ARG A 11 -13.12 0.64 12.11
N ASP A 12 -13.31 0.45 13.42
CA ASP A 12 -13.66 1.57 14.29
C ASP A 12 -12.59 2.65 14.27
N LYS A 13 -11.32 2.24 14.29
CA LYS A 13 -10.25 3.22 14.29
C LYS A 13 -10.12 3.89 12.92
N LEU A 14 -10.25 3.11 11.85
CA LEU A 14 -10.10 3.67 10.50
C LEU A 14 -11.20 4.69 10.21
N ILE A 15 -12.44 4.36 10.57
CA ILE A 15 -13.55 5.27 10.29
C ILE A 15 -13.41 6.56 11.11
N ALA A 16 -12.97 6.44 12.36
CA ALA A 16 -12.75 7.63 13.18
C ALA A 16 -11.69 8.54 12.56
N VAL A 17 -10.61 7.95 12.05
CA VAL A 17 -9.59 8.73 11.36
C VAL A 17 -10.14 9.30 10.06
N ALA A 18 -10.88 8.48 9.30
CA ALA A 18 -11.39 8.92 8.01
C ALA A 18 -12.37 10.07 8.16
N LYS A 19 -13.24 10.01 9.16
CA LYS A 19 -14.18 11.11 9.40
C LYS A 19 -13.43 12.40 9.70
N LYS A 20 -12.36 12.34 10.47
CA LYS A 20 -11.61 13.53 10.80
C LYS A 20 -10.87 14.07 9.57
N LEU A 21 -10.31 13.17 8.76
CA LEU A 21 -9.62 13.61 7.55
C LEU A 21 -10.58 14.29 6.59
N LYS A 22 -11.78 13.72 6.42
CA LYS A 22 -12.76 14.34 5.53
C LYS A 22 -13.10 15.76 5.97
N GLU A 23 -13.16 16.00 7.28
CA GLU A 23 -13.50 17.32 7.79
C GLU A 23 -12.38 18.32 7.55
N ILE A 24 -11.13 17.88 7.56
CA ILE A 24 -9.98 18.75 7.63
C ILE A 24 -9.24 18.82 6.30
N ILE A 25 -8.92 17.67 5.72
CA ILE A 25 -8.14 17.66 4.47
C ILE A 25 -8.73 16.69 3.47
N PRO A 26 -10.00 16.82 3.09
CA PRO A 26 -10.61 15.80 2.22
C PRO A 26 -9.96 15.68 0.85
N ASP A 27 -9.45 16.78 0.30
CA ASP A 27 -8.88 16.75 -1.04
C ASP A 27 -7.50 16.11 -1.11
N ARG A 28 -6.83 15.93 0.04
CA ARG A 28 -5.53 15.27 0.06
C ARG A 28 -5.64 13.76 0.23
N VAL A 29 -6.82 13.24 0.54
CA VAL A 29 -7.01 11.81 0.78
C VAL A 29 -7.18 11.10 -0.56
N LYS A 30 -6.24 10.21 -0.88
CA LYS A 30 -6.28 9.50 -2.15
C LYS A 30 -6.96 8.15 -2.03
N GLY A 31 -6.84 7.48 -0.90
CA GLY A 31 -7.41 6.15 -0.81
C GLY A 31 -7.11 5.51 0.52
N PHE A 32 -7.60 4.28 0.65
CA PHE A 32 -7.46 3.50 1.86
C PHE A 32 -7.10 2.07 1.51
N VAL A 33 -6.29 1.45 2.35
CA VAL A 33 -6.00 0.03 2.28
C VAL A 33 -6.66 -0.61 3.49
N VAL A 34 -7.59 -1.54 3.24
CA VAL A 34 -8.44 -2.11 4.27
C VAL A 34 -8.21 -3.63 4.30
N GLY A 35 -8.52 -4.22 5.45
CA GLY A 35 -8.32 -5.64 5.63
C GLY A 35 -9.17 -6.16 6.76
N GLY A 36 -9.22 -7.48 6.88
CA GLY A 36 -9.99 -8.13 7.92
C GLY A 36 -11.08 -9.02 7.39
N LYS A 37 -12.08 -9.29 8.22
CA LYS A 37 -13.20 -10.13 7.80
C LYS A 37 -13.94 -9.49 6.64
N THR A 38 -14.44 -10.34 5.72
CA THR A 38 -15.17 -9.85 4.56
C THR A 38 -16.33 -8.96 4.97
N ASP A 39 -17.11 -9.39 5.97
CA ASP A 39 -18.25 -8.58 6.41
C ASP A 39 -17.82 -7.22 6.93
N ASP A 40 -16.69 -7.17 7.65
CA ASP A 40 -16.21 -5.89 8.17
C ASP A 40 -15.63 -5.02 7.05
N VAL A 41 -14.87 -5.63 6.14
CA VAL A 41 -14.25 -4.87 5.06
C VAL A 41 -15.30 -4.29 4.13
N VAL A 42 -16.35 -5.07 3.83
CA VAL A 42 -17.38 -4.59 2.93
C VAL A 42 -18.16 -3.43 3.54
N ALA A 43 -18.43 -3.49 4.85
CA ALA A 43 -19.09 -2.37 5.52
C ALA A 43 -18.20 -1.14 5.54
N THR A 44 -16.89 -1.34 5.74
CA THR A 44 -15.95 -0.23 5.74
C THR A 44 -15.91 0.43 4.36
N ILE A 45 -15.86 -0.38 3.30
CA ILE A 45 -15.81 0.16 1.95
C ILE A 45 -17.00 1.05 1.67
N ARG A 46 -18.20 0.61 2.06
CA ARG A 46 -19.39 1.43 1.85
C ARG A 46 -19.31 2.73 2.65
N ASP A 47 -18.86 2.64 3.91
CA ASP A 47 -18.73 3.84 4.73
C ASP A 47 -17.75 4.82 4.12
N LEU A 48 -16.62 4.32 3.60
CA LEU A 48 -15.62 5.20 3.02
C LEU A 48 -16.12 5.84 1.73
N ILE A 49 -16.87 5.09 0.92
CA ILE A 49 -17.41 5.65 -0.31
C ILE A 49 -18.49 6.67 0.01
N ALA A 50 -19.22 6.48 1.11
CA ALA A 50 -20.23 7.46 1.51
C ALA A 50 -19.57 8.73 2.00
N LEU A 51 -18.45 8.61 2.72
CA LEU A 51 -17.72 9.79 3.19
C LEU A 51 -17.11 10.56 2.03
N PHE A 52 -16.21 9.91 1.28
CA PHE A 52 -15.47 10.57 0.22
C PHE A 52 -16.22 10.39 -1.09
N GLY A 53 -15.63 10.83 -2.20
CA GLY A 53 -16.29 10.77 -3.47
C GLY A 53 -16.24 9.39 -4.09
N PRO A 54 -16.89 9.25 -5.24
CA PRO A 54 -16.73 8.02 -6.03
C PRO A 54 -15.32 7.83 -6.55
N ASP A 55 -14.49 8.87 -6.52
CA ASP A 55 -13.11 8.80 -6.96
C ASP A 55 -12.19 8.18 -5.91
N LEU A 56 -12.69 7.91 -4.72
CA LEU A 56 -11.86 7.31 -3.68
C LEU A 56 -11.45 5.89 -4.07
N GLU A 57 -10.15 5.64 -4.08
CA GLU A 57 -9.65 4.31 -4.36
C GLU A 57 -9.54 3.53 -3.05
N ILE A 58 -9.91 2.26 -3.09
CA ILE A 58 -9.90 1.41 -1.91
C ILE A 58 -9.23 0.10 -2.29
N VAL A 59 -8.16 -0.23 -1.58
CA VAL A 59 -7.39 -1.46 -1.80
C VAL A 59 -7.76 -2.43 -0.69
N VAL A 60 -8.19 -3.63 -1.06
CA VAL A 60 -8.52 -4.67 -0.09
C VAL A 60 -7.33 -5.62 0.04
N GLU A 61 -6.84 -5.82 1.25
CA GLU A 61 -5.77 -6.78 1.47
C GLU A 61 -6.32 -8.19 1.46
N LEU A 62 -5.66 -9.07 0.73
CA LEU A 62 -6.02 -10.48 0.65
C LEU A 62 -4.87 -11.28 1.24
N THR A 63 -5.09 -11.88 2.42
CA THR A 63 -4.04 -12.58 3.13
C THR A 63 -4.16 -14.10 3.04
N GLU A 64 -5.21 -14.62 2.41
CA GLU A 64 -5.45 -16.06 2.31
C GLU A 64 -5.70 -16.38 0.84
N LEU A 65 -4.76 -17.08 0.22
CA LEU A 65 -4.80 -17.28 -1.23
C LEU A 65 -6.05 -18.02 -1.68
N ASP A 66 -6.49 -19.02 -0.89
CA ASP A 66 -7.61 -19.84 -1.31
C ASP A 66 -8.95 -19.14 -1.14
N LYS A 67 -9.02 -18.09 -0.32
CA LYS A 67 -10.25 -17.33 -0.13
C LYS A 67 -10.22 -15.97 -0.81
N ALA A 68 -9.14 -15.68 -1.56
CA ALA A 68 -8.95 -14.32 -2.07
C ALA A 68 -10.02 -13.93 -3.08
N ILE A 69 -10.41 -14.85 -3.95
CA ILE A 69 -11.31 -14.48 -5.04
C ILE A 69 -12.71 -14.17 -4.51
N GLU A 70 -13.20 -14.98 -3.56
CA GLU A 70 -14.50 -14.70 -2.96
C GLU A 70 -14.49 -13.37 -2.21
N THR A 71 -13.45 -13.12 -1.42
CA THR A 71 -13.35 -11.84 -0.72
C THR A 71 -13.23 -10.69 -1.70
N MET A 72 -12.47 -10.89 -2.79
CA MET A 72 -12.29 -9.83 -3.78
C MET A 72 -13.62 -9.48 -4.43
N LYS A 73 -14.38 -10.49 -4.87
CA LYS A 73 -15.65 -10.21 -5.55
C LYS A 73 -16.59 -9.43 -4.65
N LYS A 74 -16.68 -9.81 -3.37
CA LYS A 74 -17.58 -9.11 -2.46
C LYS A 74 -17.07 -7.70 -2.16
N ALA A 75 -15.75 -7.54 -2.05
CA ALA A 75 -15.19 -6.21 -1.77
C ALA A 75 -15.37 -5.29 -2.97
N VAL A 76 -15.09 -5.80 -4.17
CA VAL A 76 -15.28 -5.00 -5.38
C VAL A 76 -16.75 -4.64 -5.55
N GLU A 77 -17.66 -5.56 -5.21
CA GLU A 77 -19.08 -5.24 -5.28
C GLU A 77 -19.45 -4.14 -4.30
N ALA A 78 -18.73 -4.04 -3.19
CA ALA A 78 -18.93 -2.93 -2.26
C ALA A 78 -18.34 -1.62 -2.78
N GLY A 79 -17.37 -1.69 -3.69
CA GLY A 79 -16.80 -0.50 -4.29
C GLY A 79 -15.28 -0.46 -4.32
N ALA A 80 -14.62 -1.50 -3.83
CA ALA A 80 -13.17 -1.55 -3.85
C ALA A 80 -12.65 -1.55 -5.28
N SER A 81 -11.47 -0.96 -5.48
CA SER A 81 -10.90 -0.75 -6.80
C SER A 81 -9.59 -1.47 -7.02
N ALA A 82 -9.04 -2.11 -5.99
CA ALA A 82 -7.74 -2.76 -6.10
C ALA A 82 -7.63 -3.85 -5.04
N ILE A 83 -6.73 -4.79 -5.28
CA ILE A 83 -6.41 -5.80 -4.27
C ILE A 83 -4.93 -5.71 -3.97
N LEU A 84 -4.57 -6.03 -2.73
CA LEU A 84 -3.17 -6.19 -2.34
C LEU A 84 -3.00 -7.64 -1.90
N LEU A 85 -2.26 -8.42 -2.69
CA LEU A 85 -2.01 -9.82 -2.39
C LEU A 85 -0.80 -9.95 -1.48
N ARG A 86 -1.05 -10.43 -0.27
CA ARG A 86 0.08 -10.71 0.66
C ARG A 86 0.30 -12.23 0.67
N ASP A 87 1.47 -12.71 1.11
CA ASP A 87 1.73 -14.17 1.26
C ASP A 87 1.85 -14.85 -0.12
N GLY A 88 2.15 -14.07 -1.16
CA GLY A 88 2.25 -14.74 -2.44
C GLY A 88 3.49 -15.61 -2.59
N VAL A 89 4.52 -15.38 -1.75
CA VAL A 89 5.76 -16.12 -1.88
C VAL A 89 5.58 -17.60 -1.54
N ARG A 90 4.53 -17.95 -0.80
CA ARG A 90 4.27 -19.36 -0.49
C ARG A 90 3.84 -20.09 -1.74
N GLY A 91 2.70 -19.69 -2.32
CA GLY A 91 2.17 -20.35 -3.49
C GLY A 91 2.08 -19.44 -4.70
N VAL A 92 3.20 -19.32 -5.43
CA VAL A 92 3.28 -18.40 -6.55
C VAL A 92 2.34 -18.82 -7.69
N GLU A 93 2.14 -20.13 -7.87
CA GLU A 93 1.26 -20.58 -8.94
C GLU A 93 -0.20 -20.20 -8.72
N GLU A 94 -0.53 -19.67 -7.56
CA GLU A 94 -1.95 -19.34 -7.31
C GLU A 94 -2.27 -17.89 -7.71
N LEU A 95 -1.25 -17.07 -8.06
CA LEU A 95 -1.51 -15.66 -8.29
C LEU A 95 -2.14 -15.40 -9.65
N ARG A 96 -1.79 -16.21 -10.65
CA ARG A 96 -2.36 -16.04 -11.99
C ARG A 96 -3.88 -16.05 -11.93
N LYS A 97 -4.46 -17.10 -11.34
CA LYS A 97 -5.90 -17.21 -11.23
C LYS A 97 -6.50 -16.00 -10.51
N ILE A 98 -5.89 -15.60 -9.39
CA ILE A 98 -6.40 -14.45 -8.65
C ILE A 98 -6.29 -13.19 -9.48
N ALA A 99 -5.11 -12.97 -10.08
CA ALA A 99 -4.90 -11.80 -10.92
C ALA A 99 -5.83 -11.81 -12.13
N GLU A 100 -6.07 -12.99 -12.73
CA GLU A 100 -6.97 -13.07 -13.86
C GLU A 100 -8.39 -12.68 -13.47
N GLU A 101 -8.84 -13.12 -12.29
CA GLU A 101 -10.19 -12.77 -11.85
C GLU A 101 -10.28 -11.30 -11.48
N ALA A 102 -9.19 -10.75 -10.93
CA ALA A 102 -9.16 -9.32 -10.64
C ALA A 102 -9.28 -8.51 -11.93
N LYS A 103 -8.52 -8.89 -12.95
CA LYS A 103 -8.57 -8.18 -14.22
C LYS A 103 -9.97 -8.25 -14.83
N LYS A 104 -10.58 -9.44 -14.78
CA LYS A 104 -11.94 -9.58 -15.31
C LYS A 104 -12.93 -8.65 -14.64
N LEU A 105 -12.65 -8.25 -13.40
CA LEU A 105 -13.47 -7.26 -12.70
C LEU A 105 -13.01 -5.83 -12.94
N GLY A 106 -11.92 -5.63 -13.67
CA GLY A 106 -11.38 -4.30 -13.86
C GLY A 106 -10.65 -3.77 -12.63
N VAL A 107 -10.10 -4.66 -11.83
CA VAL A 107 -9.53 -4.34 -10.52
C VAL A 107 -8.01 -4.30 -10.63
N LYS A 108 -7.39 -3.31 -9.97
CA LYS A 108 -5.93 -3.22 -9.93
C LYS A 108 -5.34 -4.32 -9.05
N VAL A 109 -4.18 -4.82 -9.45
CA VAL A 109 -3.50 -5.91 -8.75
C VAL A 109 -2.19 -5.41 -8.19
N ILE A 110 -2.04 -5.47 -6.87
CA ILE A 110 -0.82 -5.10 -6.17
C ILE A 110 -0.31 -6.33 -5.46
N VAL A 111 0.97 -6.67 -5.67
CA VAL A 111 1.56 -7.88 -5.11
C VAL A 111 2.61 -7.48 -4.10
N ASP A 112 2.45 -7.97 -2.86
CA ASP A 112 3.41 -7.75 -1.79
C ASP A 112 4.54 -8.77 -1.91
N VAL A 113 5.77 -8.29 -2.03
CA VAL A 113 6.92 -9.17 -2.22
C VAL A 113 7.74 -9.15 -0.93
N THR A 114 7.64 -10.23 -0.17
CA THR A 114 8.40 -10.44 1.05
C THR A 114 9.28 -11.67 0.88
N ASP A 115 10.15 -11.90 1.86
CA ASP A 115 11.19 -12.92 1.68
C ASP A 115 10.60 -14.32 1.72
N GLY A 116 11.33 -15.25 1.10
CA GLY A 116 10.98 -16.65 1.04
C GLY A 116 11.87 -17.35 0.05
N PRO A 117 11.82 -18.69 0.02
CA PRO A 117 12.63 -19.42 -0.96
C PRO A 117 12.33 -19.05 -2.41
N ASP A 118 11.08 -18.72 -2.73
CA ASP A 118 10.67 -18.44 -4.10
C ASP A 118 10.51 -16.95 -4.37
N VAL A 119 11.30 -16.10 -3.70
CA VAL A 119 11.06 -14.66 -3.78
C VAL A 119 11.31 -14.14 -5.20
N LEU A 120 12.34 -14.67 -5.87
CA LEU A 120 12.61 -14.21 -7.23
C LEU A 120 11.55 -14.72 -8.21
N GLU A 121 11.12 -15.97 -8.04
CA GLU A 121 10.03 -16.48 -8.87
C GLU A 121 8.74 -15.73 -8.62
N LEU A 122 8.46 -15.40 -7.35
CA LEU A 122 7.32 -14.54 -7.03
C LEU A 122 7.46 -13.18 -7.71
N ALA A 123 8.67 -12.60 -7.68
CA ALA A 123 8.89 -11.32 -8.32
C ALA A 123 8.66 -11.40 -9.83
N ARG A 124 9.11 -12.49 -10.45
CA ARG A 124 8.91 -12.66 -11.88
C ARG A 124 7.42 -12.78 -12.21
N GLU A 125 6.71 -13.61 -11.44
CA GLU A 125 5.27 -13.77 -11.66
C GLU A 125 4.54 -12.46 -11.40
N ALA A 126 4.89 -11.76 -10.33
CA ALA A 126 4.26 -10.47 -10.04
C ALA A 126 4.50 -9.49 -11.18
N ALA A 127 5.69 -9.53 -11.79
CA ALA A 127 5.99 -8.62 -12.88
C ALA A 127 5.10 -8.88 -14.09
N ALA A 128 4.70 -10.13 -14.30
CA ALA A 128 3.84 -10.47 -15.43
C ALA A 128 2.35 -10.30 -15.14
N LEU A 129 1.97 -10.10 -13.88
CA LEU A 129 0.58 -10.05 -13.48
C LEU A 129 0.14 -8.72 -12.89
N ALA A 130 1.01 -8.01 -12.18
CA ALA A 130 0.59 -6.95 -11.28
C ALA A 130 0.67 -5.58 -11.93
N ASP A 131 -0.17 -4.68 -11.42
CA ASP A 131 -0.04 -3.26 -11.72
C ASP A 131 1.06 -2.61 -10.88
N ALA A 132 1.28 -3.10 -9.67
CA ALA A 132 2.27 -2.54 -8.77
C ALA A 132 2.79 -3.64 -7.85
N ILE A 133 4.01 -3.45 -7.39
CA ILE A 133 4.66 -4.38 -6.47
C ILE A 133 5.11 -3.57 -5.26
N VAL A 134 4.85 -4.09 -4.08
CA VAL A 134 5.36 -3.52 -2.83
C VAL A 134 6.59 -4.34 -2.42
N ILE A 135 7.74 -3.68 -2.33
CA ILE A 135 9.01 -4.34 -2.03
C ILE A 135 9.39 -4.02 -0.60
N ASP A 136 9.51 -5.06 0.22
CA ASP A 136 9.97 -4.91 1.59
C ASP A 136 11.44 -4.47 1.58
N THR A 137 11.71 -3.30 2.14
CA THR A 137 13.07 -2.77 2.14
C THR A 137 13.99 -3.57 3.05
N GLY A 138 13.43 -4.26 4.05
CA GLY A 138 14.23 -5.16 4.87
C GLY A 138 14.83 -6.33 4.13
N LEU A 139 14.40 -6.57 2.88
CA LEU A 139 14.98 -7.63 2.08
C LEU A 139 16.47 -7.36 1.84
N PRO A 140 17.26 -8.41 1.60
CA PRO A 140 18.67 -8.20 1.24
C PRO A 140 18.79 -7.32 0.00
N LEU A 141 19.84 -6.51 -0.03
CA LEU A 141 19.94 -5.46 -1.04
C LEU A 141 19.96 -6.05 -2.45
N ASP A 142 20.76 -7.10 -2.67
CA ASP A 142 20.83 -7.69 -4.00
C ASP A 142 19.49 -8.28 -4.43
N THR A 143 18.74 -8.84 -3.47
CA THR A 143 17.40 -9.32 -3.78
C THR A 143 16.47 -8.17 -4.15
N ARG A 144 16.53 -7.07 -3.41
CA ARG A 144 15.66 -5.93 -3.71
C ARG A 144 15.98 -5.33 -5.08
N GLU A 145 17.28 -5.17 -5.38
CA GLU A 145 17.67 -4.68 -6.70
C GLU A 145 17.16 -5.61 -7.80
N ALA A 146 17.24 -6.92 -7.57
CA ALA A 146 16.70 -7.88 -8.53
C ALA A 146 15.21 -7.66 -8.76
N ILE A 147 14.45 -7.55 -7.67
CA ILE A 147 13.00 -7.39 -7.80
C ILE A 147 12.68 -6.08 -8.53
N ALA A 148 13.37 -5.00 -8.18
CA ALA A 148 13.09 -3.70 -8.80
C ALA A 148 13.45 -3.72 -10.28
N ALA A 149 14.60 -4.30 -10.62
CA ALA A 149 14.98 -4.40 -12.04
C ALA A 149 13.98 -5.24 -12.82
N LEU A 150 13.48 -6.30 -12.20
CA LEU A 150 12.48 -7.15 -12.84
C LEU A 150 11.18 -6.38 -13.10
N ALA A 151 10.74 -5.60 -12.11
CA ALA A 151 9.48 -4.88 -12.25
C ALA A 151 9.62 -3.74 -13.26
N ASP A 152 10.73 -3.01 -13.18
CA ASP A 152 10.99 -1.91 -14.12
C ASP A 152 10.93 -2.42 -15.56
N ALA A 153 11.65 -3.51 -15.84
CA ALA A 153 11.65 -4.05 -17.20
C ALA A 153 10.26 -4.45 -17.65
N ALA A 154 9.39 -4.86 -16.73
CA ALA A 154 8.02 -5.20 -17.05
C ALA A 154 7.08 -4.01 -17.02
N GLY A 155 7.57 -2.81 -16.69
CA GLY A 155 6.71 -1.65 -16.61
C GLY A 155 5.76 -1.65 -15.43
N VAL A 156 6.15 -2.29 -14.33
CA VAL A 156 5.31 -2.42 -13.14
C VAL A 156 5.73 -1.36 -12.14
N ASP A 157 4.74 -0.66 -11.56
CA ASP A 157 5.04 0.33 -10.53
C ASP A 157 5.68 -0.32 -9.32
N VAL A 158 6.65 0.37 -8.73
CA VAL A 158 7.39 -0.15 -7.59
C VAL A 158 7.11 0.72 -6.38
N ILE A 159 6.70 0.08 -5.28
CA ILE A 159 6.42 0.75 -4.01
C ILE A 159 7.38 0.15 -2.98
N PHE A 160 8.07 1.01 -2.25
CA PHE A 160 9.00 0.57 -1.22
C PHE A 160 8.32 0.65 0.15
N ARG A 161 8.19 -0.49 0.81
CA ARG A 161 7.75 -0.54 2.19
C ARG A 161 8.96 -0.28 3.09
N VAL A 162 8.86 0.74 3.95
CA VAL A 162 9.96 1.13 4.83
C VAL A 162 9.45 1.20 6.27
N SER A 163 10.33 0.89 7.22
CA SER A 163 9.98 0.99 8.62
C SER A 163 11.03 1.78 9.40
N GLY A 164 12.29 1.40 9.25
CA GLY A 164 13.35 2.14 9.90
C GLY A 164 13.79 3.35 9.10
N LEU A 165 14.39 4.31 9.81
CA LEU A 165 14.97 5.46 9.11
C LEU A 165 16.11 5.03 8.19
N ASP A 166 16.84 3.97 8.56
CA ASP A 166 17.86 3.44 7.67
C ASP A 166 17.24 2.72 6.47
N GLN A 167 16.07 2.10 6.66
CA GLN A 167 15.33 1.59 5.52
C GLN A 167 14.90 2.72 4.59
N VAL A 168 14.58 3.89 5.16
CA VAL A 168 14.24 5.05 4.35
C VAL A 168 15.42 5.46 3.49
N ASP A 169 16.61 5.54 4.10
CA ASP A 169 17.81 5.88 3.35
C ASP A 169 18.09 4.86 2.25
N ASP A 170 17.90 3.58 2.55
CA ASP A 170 18.07 2.55 1.53
C ASP A 170 17.10 2.76 0.38
N ALA A 171 15.81 2.88 0.69
CA ALA A 171 14.80 3.01 -0.35
C ALA A 171 14.97 4.29 -1.15
N VAL A 172 15.37 5.38 -0.49
CA VAL A 172 15.60 6.64 -1.20
C VAL A 172 16.67 6.45 -2.25
N ALA A 173 17.82 5.89 -1.85
CA ALA A 173 18.91 5.65 -2.80
C ALA A 173 18.46 4.77 -3.95
N LEU A 174 17.76 3.67 -3.64
CA LEU A 174 17.29 2.80 -4.71
C LEU A 174 16.19 3.46 -5.54
N ALA A 175 15.38 4.32 -4.92
CA ALA A 175 14.34 5.02 -5.67
C ALA A 175 14.94 5.85 -6.79
N ALA A 176 16.04 6.55 -6.51
CA ALA A 176 16.72 7.34 -7.52
C ALA A 176 17.27 6.48 -8.66
N ARG A 177 17.37 5.18 -8.47
CA ARG A 177 17.84 4.27 -9.51
C ARG A 177 16.71 3.52 -10.20
N THR A 178 15.47 3.71 -9.75
CA THR A 178 14.33 2.91 -10.22
C THR A 178 13.31 3.82 -10.91
N PRO A 179 13.28 3.86 -12.25
CA PRO A 179 12.28 4.70 -12.92
C PRO A 179 10.86 4.30 -12.59
N ALA A 180 10.60 3.01 -12.36
CA ALA A 180 9.27 2.54 -12.02
C ALA A 180 8.84 2.89 -10.61
N PHE A 181 9.74 3.43 -9.79
CA PHE A 181 9.39 3.79 -8.41
C PHE A 181 8.25 4.78 -8.38
N LYS A 182 7.29 4.56 -7.49
CA LYS A 182 6.12 5.39 -7.42
C LYS A 182 5.86 6.00 -6.05
N GLY A 183 6.30 5.37 -4.96
CA GLY A 183 6.07 5.95 -3.66
C GLY A 183 6.45 5.00 -2.54
N PHE A 184 6.33 5.53 -1.32
CA PHE A 184 6.68 4.80 -0.11
C PHE A 184 5.45 4.35 0.66
N LEU A 185 5.55 3.17 1.26
CA LEU A 185 4.61 2.70 2.26
C LEU A 185 5.30 2.86 3.61
N LEU A 186 4.83 3.84 4.39
CA LEU A 186 5.48 4.23 5.64
C LEU A 186 4.90 3.42 6.79
N GLU A 187 5.69 2.49 7.32
CA GLU A 187 5.35 1.77 8.53
C GLU A 187 6.24 2.22 9.67
N GLY A 188 5.77 1.98 10.90
CA GLY A 188 6.56 2.24 12.08
C GLY A 188 6.45 3.65 12.65
N VAL A 189 5.82 4.58 11.94
CA VAL A 189 5.64 5.92 12.47
C VAL A 189 4.76 5.84 13.71
N ARG A 190 5.32 6.24 14.86
CA ARG A 190 4.61 6.12 16.12
C ARG A 190 4.30 7.45 16.79
N ASP A 191 4.85 8.56 16.30
CA ASP A 191 4.53 9.88 16.82
C ASP A 191 4.89 10.92 15.78
N VAL A 192 4.56 12.18 16.08
CA VAL A 192 4.83 13.25 15.14
C VAL A 192 6.33 13.44 14.96
N ALA A 193 7.12 13.16 16.00
CA ALA A 193 8.57 13.30 15.87
C ALA A 193 9.11 12.40 14.76
N ALA A 194 8.65 11.15 14.71
CA ALA A 194 9.07 10.25 13.64
C ALA A 194 8.55 10.72 12.29
N ALA A 195 7.30 11.18 12.25
CA ALA A 195 6.73 11.68 11.01
C ALA A 195 7.49 12.89 10.47
N GLU A 196 8.03 13.72 11.38
CA GLU A 196 8.83 14.86 10.95
C GLU A 196 10.16 14.42 10.36
N ALA A 197 10.80 13.42 10.97
CA ALA A 197 12.09 12.95 10.44
C ALA A 197 11.93 12.37 9.04
N VAL A 198 10.84 11.65 8.80
CA VAL A 198 10.56 11.13 7.47
C VAL A 198 10.30 12.27 6.50
N ARG A 199 9.48 13.24 6.91
CA ARG A 199 9.17 14.38 6.04
C ARG A 199 10.44 15.11 5.63
N ALA A 200 11.39 15.27 6.57
CA ALA A 200 12.63 15.97 6.26
C ALA A 200 13.50 15.17 5.32
N ARG A 201 13.56 13.84 5.49
CA ARG A 201 14.36 13.02 4.60
C ARG A 201 13.76 12.98 3.20
N LEU A 202 12.43 12.95 3.10
CA LEU A 202 11.79 13.00 1.79
C LEU A 202 12.01 14.34 1.12
N ALA A 203 12.01 15.43 1.88
CA ALA A 203 12.28 16.75 1.32
C ALA A 203 13.71 16.83 0.81
N ALA A 204 14.66 16.32 1.59
CA ALA A 204 16.07 16.38 1.19
C ALA A 204 16.31 15.58 -0.09
N ALA A 205 15.52 14.54 -0.33
CA ALA A 205 15.66 13.71 -1.52
C ALA A 205 14.81 14.20 -2.69
N GLY A 206 14.08 15.29 -2.52
CA GLY A 206 13.21 15.78 -3.58
C GLY A 206 12.04 14.88 -3.90
N LEU A 207 11.59 14.07 -2.94
CA LEU A 207 10.52 13.11 -3.15
C LEU A 207 9.23 13.49 -2.44
N THR A 208 9.08 14.77 -2.07
CA THR A 208 7.94 15.17 -1.25
C THR A 208 6.62 15.02 -1.99
N ASP A 209 6.58 15.38 -3.27
CA ASP A 209 5.29 15.47 -3.98
C ASP A 209 4.68 14.11 -4.30
N LEU A 210 5.42 13.02 -4.16
CA LEU A 210 4.86 11.70 -4.43
C LEU A 210 3.87 11.31 -3.35
N ASP A 211 2.71 10.79 -3.76
CA ASP A 211 1.77 10.25 -2.80
C ASP A 211 2.43 9.14 -1.99
N PHE A 212 2.03 9.01 -0.74
CA PHE A 212 2.60 8.02 0.17
C PHE A 212 1.47 7.35 0.93
N LEU A 213 1.79 6.20 1.52
CA LEU A 213 0.87 5.52 2.41
C LEU A 213 1.40 5.58 3.84
N LEU A 214 0.51 5.91 4.77
CA LEU A 214 0.81 5.92 6.19
C LEU A 214 0.06 4.76 6.84
N ALA A 215 0.81 3.77 7.34
CA ALA A 215 0.21 2.69 8.11
C ALA A 215 -0.06 3.17 9.52
N LEU A 216 -1.29 2.95 9.99
CA LEU A 216 -1.74 3.47 11.28
C LEU A 216 -1.59 2.46 12.39
N ASP A 217 -0.94 1.34 12.09
CA ASP A 217 -0.79 0.22 13.07
C ASP A 217 -0.24 0.73 14.40
N GLY A 218 0.75 1.63 14.36
CA GLY A 218 1.39 2.04 15.60
C GLY A 218 0.88 3.35 16.16
N LEU A 219 -0.32 3.73 15.78
CA LEU A 219 -0.84 5.05 16.12
C LEU A 219 -2.26 4.98 16.68
N ASP A 220 -2.58 5.91 17.58
CA ASP A 220 -3.96 6.11 17.95
C ASP A 220 -4.56 7.16 17.01
N VAL A 221 -5.84 7.48 17.21
CA VAL A 221 -6.54 8.32 16.24
C VAL A 221 -5.92 9.71 16.18
N ASP A 222 -5.73 10.34 17.34
CA ASP A 222 -5.20 11.70 17.37
C ASP A 222 -3.77 11.76 16.85
N THR A 223 -2.94 10.77 17.20
CA THR A 223 -1.58 10.75 16.69
C THR A 223 -1.55 10.45 15.19
N ALA A 224 -2.48 9.64 14.70
CA ALA A 224 -2.55 9.36 13.27
C ALA A 224 -2.89 10.62 12.49
N ILE A 225 -3.84 11.41 12.98
CA ILE A 225 -4.19 12.66 12.31
C ILE A 225 -3.01 13.62 12.36
N ALA A 226 -2.38 13.76 13.52
CA ALA A 226 -1.26 14.69 13.65
C ALA A 226 -0.09 14.25 12.78
N ALA A 227 0.17 12.95 12.69
CA ALA A 227 1.25 12.47 11.84
C ALA A 227 0.92 12.67 10.37
N ALA A 228 -0.33 12.40 9.99
CA ALA A 228 -0.77 12.64 8.62
C ALA A 228 -0.60 14.11 8.24
N LEU A 229 -1.05 15.01 9.12
CA LEU A 229 -0.95 16.43 8.82
C LEU A 229 0.49 16.89 8.78
N ALA A 230 1.33 16.33 9.65
CA ALA A 230 2.75 16.69 9.66
C ALA A 230 3.42 16.30 8.35
N LEU A 231 3.11 15.12 7.81
CA LEU A 231 3.72 14.70 6.56
C LEU A 231 3.20 15.52 5.39
N LEU A 232 1.97 16.03 5.47
CA LEU A 232 1.31 16.68 4.34
C LEU A 232 1.57 18.18 4.28
N GLU A 233 2.12 18.78 5.31
CA GLU A 233 2.28 20.24 5.36
C GLU A 233 3.34 20.73 4.36
#